data_3PMW
#
_entry.id   3PMW
#
_cell.length_a   64.787
_cell.length_b   87.328
_cell.length_c   47.549
_cell.angle_alpha   90.00
_cell.angle_beta   90.00
_cell.angle_gamma   90.00
#
_symmetry.space_group_name_H-M   'P 21 21 2'
#
loop_
_entity.id
_entity.type
_entity.pdbx_description
1 polymer 'Glutamate receptor 2'
2 non-polymer 'GLUTAMIC ACID'
3 non-polymer 'SULFATE ION'
4 non-polymer GLYCEROL
5 non-polymer 'DIMETHYL SULFOXIDE'
6 non-polymer 'N-[(2S)-5-{[4-(hydroxymethyl)-3-(trifluoromethyl)-1H-pyrazol-1-yl]methyl}-2,3-dihydro-1H-inden-2-yl]propane-2-sulfonami de'
7 water water
#
_entity_poly.entity_id   1
_entity_poly.type   'polypeptide(L)'
_entity_poly.pdbx_seq_one_letter_code
;GANKTVVVTTILESPYVMMKKNHEMLEGNERYEGYCVDLAAEIAKHCGFKYKLTIVGDGKYGARDADTKIWNGMVGELVY
GKADIAIAPLTITLVREEVIDFSKPFMSLGISIMIKKGTPIESAEDLSKQTEIAYGTLDSGSTKEFFRRSKIAVFDKMWT
YMRSAEPSVFVRTTAEGVARVRKSKGKYAYLLESTMNEYIEQRKPCDTMKVGGNLDSKGYGIATPKGSSLGTPVNLAVLK
LSEQGVLDKLKNKWWYDKGECGA
;
_entity_poly.pdbx_strand_id   A
#
loop_
_chem_comp.id
_chem_comp.type
_chem_comp.name
_chem_comp.formula
DMS non-polymer 'DIMETHYL SULFOXIDE' 'C2 H6 O S'
G69 non-polymer 'N-[(2S)-5-{[4-(hydroxymethyl)-3-(trifluoromethyl)-1H-pyrazol-1-yl]methyl}-2,3-dihydro-1H-inden-2-yl]propane-2-sulfonami de' 'C18 H22 F3 N3 O3 S'
GOL non-polymer GLYCEROL 'C3 H8 O3'
SO4 non-polymer 'SULFATE ION' 'O4 S -2'
#
# COMPACT_ATOMS: atom_id res chain seq x y z
N ASN A 3 15.86 4.60 26.35
CA ASN A 3 16.16 4.16 24.94
C ASN A 3 16.08 2.62 24.79
N LYS A 4 15.16 2.18 23.95
CA LYS A 4 14.83 0.77 23.75
C LYS A 4 14.68 0.51 22.25
N THR A 5 15.03 -0.70 21.82
CA THR A 5 14.88 -1.11 20.43
C THR A 5 13.41 -1.08 19.94
N VAL A 6 13.17 -0.23 18.95
CA VAL A 6 11.84 -0.03 18.35
C VAL A 6 11.45 -1.21 17.45
N VAL A 7 10.26 -1.78 17.69
CA VAL A 7 9.64 -2.80 16.83
C VAL A 7 8.83 -2.17 15.73
N VAL A 8 9.39 -2.22 14.53
CA VAL A 8 8.75 -1.73 13.33
C VAL A 8 7.88 -2.81 12.69
N THR A 9 6.57 -2.56 12.58
CA THR A 9 5.67 -3.37 11.76
C THR A 9 5.66 -2.83 10.32
N THR A 10 5.78 -3.74 9.36
CA THR A 10 5.68 -3.39 7.96
C THR A 10 5.10 -4.57 7.17
N ILE A 11 4.97 -4.43 5.85
CA ILE A 11 4.24 -5.40 5.04
C ILE A 11 5.00 -5.69 3.76
N LEU A 12 4.93 -6.92 3.27
CA LEU A 12 5.64 -7.29 2.05
C LEU A 12 4.80 -6.71 0.88
N GLU A 13 5.33 -5.64 0.30
CA GLU A 13 4.71 -4.96 -0.83
C GLU A 13 5.77 -4.24 -1.65
N SER A 14 5.87 -4.61 -2.91
CA SER A 14 6.82 -4.07 -3.88
C SER A 14 6.48 -2.65 -4.31
N PRO A 15 7.49 -1.77 -4.42
CA PRO A 15 8.92 -1.86 -4.06
C PRO A 15 9.26 -1.44 -2.62
N TYR A 16 8.25 -1.38 -1.76
CA TYR A 16 8.39 -0.85 -0.40
C TYR A 16 9.19 -1.73 0.53
N VAL A 17 8.84 -3.01 0.59
CA VAL A 17 9.55 -4.00 1.38
C VAL A 17 9.45 -5.33 0.64
N MET A 18 10.61 -5.86 0.27
CA MET A 18 10.71 -7.15 -0.42
C MET A 18 11.79 -7.97 0.29
N MET A 19 11.60 -9.28 0.30
CA MET A 19 12.63 -10.20 0.78
C MET A 19 13.73 -10.28 -0.24
N LYS A 20 14.96 -10.07 0.18
CA LYS A 20 16.11 -10.34 -0.68
C LYS A 20 16.03 -11.80 -1.13
N LYS A 21 16.74 -12.12 -2.21
CA LYS A 21 16.63 -13.44 -2.85
CA LYS A 21 16.63 -13.42 -2.87
C LYS A 21 17.38 -14.52 -2.06
N ASN A 22 18.48 -14.10 -1.44
CA ASN A 22 19.27 -14.92 -0.55
C ASN A 22 18.87 -14.78 0.95
N HIS A 23 17.65 -14.35 1.24
CA HIS A 23 17.16 -14.12 2.62
C HIS A 23 17.40 -15.26 3.62
N GLU A 24 17.50 -16.50 3.12
CA GLU A 24 17.73 -17.60 4.04
CA GLU A 24 17.78 -17.70 3.92
C GLU A 24 19.21 -17.69 4.49
N MET A 25 20.04 -16.92 3.77
N MET A 25 20.06 -16.89 3.87
CA MET A 25 21.44 -16.62 4.12
CA MET A 25 21.45 -16.79 4.30
C MET A 25 21.51 -15.71 5.32
C MET A 25 21.61 -15.59 5.21
N LEU A 26 20.54 -14.80 5.36
CA LEU A 26 20.61 -13.57 6.15
C LEU A 26 19.72 -13.55 7.38
N GLU A 27 19.97 -12.56 8.20
CA GLU A 27 19.30 -12.44 9.49
C GLU A 27 18.92 -10.98 9.71
N GLY A 28 17.83 -10.77 10.42
CA GLY A 28 17.52 -9.46 10.94
C GLY A 28 16.97 -8.53 9.90
N ASN A 29 17.32 -7.26 10.01
CA ASN A 29 16.94 -6.25 9.05
C ASN A 29 17.52 -6.54 7.65
N GLU A 30 18.61 -7.29 7.58
CA GLU A 30 19.29 -7.54 6.30
C GLU A 30 18.56 -8.47 5.35
N ARG A 31 17.50 -9.14 5.83
CA ARG A 31 16.65 -9.98 4.97
C ARG A 31 15.81 -9.21 3.95
N TYR A 32 15.69 -7.90 4.17
CA TYR A 32 14.70 -7.05 3.48
C TYR A 32 15.39 -5.95 2.71
N GLU A 33 14.76 -5.54 1.60
CA GLU A 33 15.16 -4.37 0.81
C GLU A 33 13.94 -3.66 0.29
N GLY A 34 14.08 -2.33 0.14
CA GLY A 34 12.99 -1.55 -0.43
C GLY A 34 12.94 -0.11 -0.03
N TYR A 35 11.93 0.58 -0.54
CA TYR A 35 11.79 2.01 -0.29
C TYR A 35 11.64 2.29 1.18
N CYS A 36 10.83 1.47 1.87
CA CYS A 36 10.47 1.65 3.29
C CYS A 36 11.51 1.08 4.26
N VAL A 37 12.28 0.10 3.78
CA VAL A 37 13.52 -0.34 4.40
C VAL A 37 14.55 0.82 4.48
N ASP A 38 14.74 1.50 3.36
CA ASP A 38 15.61 2.66 3.27
C ASP A 38 15.10 3.83 4.11
N LEU A 39 13.80 4.03 4.12
CA LEU A 39 13.18 5.12 4.87
C LEU A 39 13.24 4.85 6.39
N ALA A 40 13.06 3.60 6.80
CA ALA A 40 13.18 3.23 8.20
C ALA A 40 14.59 3.52 8.70
N ALA A 41 15.60 3.15 7.92
CA ALA A 41 16.98 3.42 8.29
C ALA A 41 17.25 4.95 8.41
N GLU A 42 16.55 5.78 7.65
CA GLU A 42 16.72 7.25 7.73
C GLU A 42 16.00 7.85 8.95
N ILE A 43 14.77 7.43 9.16
CA ILE A 43 14.02 7.86 10.33
C ILE A 43 14.66 7.45 11.66
N ALA A 44 15.16 6.21 11.73
CA ALA A 44 15.86 5.73 12.89
C ALA A 44 17.15 6.57 13.17
N LYS A 45 17.89 6.94 12.12
CA LYS A 45 19.09 7.80 12.27
CA LYS A 45 19.08 7.79 12.29
C LYS A 45 18.76 9.20 12.80
N HIS A 46 17.72 9.81 12.24
CA HIS A 46 17.40 11.19 12.57
C HIS A 46 16.65 11.29 13.86
N CYS A 47 16.06 10.19 14.32
CA CYS A 47 15.37 10.19 15.62
C CYS A 47 16.27 9.59 16.73
N GLY A 48 17.37 8.97 16.35
CA GLY A 48 18.34 8.42 17.27
C GLY A 48 18.00 7.07 17.87
N PHE A 49 17.16 6.28 17.21
CA PHE A 49 16.78 4.96 17.75
C PHE A 49 17.34 3.73 16.97
N LYS A 50 17.24 2.59 17.67
CA LYS A 50 17.60 1.26 17.19
C LYS A 50 16.33 0.52 16.92
N TYR A 51 16.32 -0.38 15.93
CA TYR A 51 15.04 -0.96 15.49
C TYR A 51 15.11 -2.37 14.91
N LYS A 52 13.95 -3.01 14.94
CA LYS A 52 13.75 -4.34 14.41
C LYS A 52 12.66 -4.23 13.38
N LEU A 53 12.96 -4.50 12.11
CA LEU A 53 11.91 -4.71 11.09
C LEU A 53 11.20 -6.07 11.29
N THR A 54 9.88 -6.10 11.15
CA THR A 54 9.07 -7.34 11.35
C THR A 54 7.81 -7.31 10.46
N ILE A 55 7.51 -8.39 9.75
CA ILE A 55 6.39 -8.42 8.78
C ILE A 55 5.06 -8.71 9.52
N VAL A 56 4.04 -7.91 9.26
CA VAL A 56 2.74 -8.12 9.92
C VAL A 56 2.25 -9.58 9.80
N GLY A 57 1.98 -10.22 10.94
CA GLY A 57 1.70 -11.67 10.97
C GLY A 57 0.55 -12.13 10.12
N ASP A 58 -0.48 -11.29 10.03
CA ASP A 58 -1.68 -11.59 9.24
C ASP A 58 -1.59 -11.06 7.80
N GLY A 59 -0.59 -10.25 7.47
CA GLY A 59 -0.39 -9.81 6.07
C GLY A 59 -1.33 -8.75 5.55
N LYS A 60 -2.02 -8.07 6.45
CA LYS A 60 -3.05 -7.05 6.12
C LYS A 60 -2.60 -5.62 6.50
N TYR A 61 -3.27 -4.63 5.94
CA TYR A 61 -2.98 -3.22 6.19
C TYR A 61 -3.63 -2.77 7.49
N GLY A 62 -4.93 -2.92 7.54
CA GLY A 62 -5.64 -2.71 8.79
C GLY A 62 -7.07 -2.33 8.56
N ALA A 63 -7.99 -3.16 9.02
CA ALA A 63 -9.41 -2.81 9.08
C ALA A 63 -9.99 -3.30 10.40
N ARG A 64 -11.15 -2.81 10.75
CA ARG A 64 -11.82 -3.15 11.99
C ARG A 64 -13.05 -4.02 11.71
N ASP A 65 -13.12 -5.20 12.30
CA ASP A 65 -14.32 -6.03 12.15
C ASP A 65 -15.52 -5.32 12.75
N ALA A 66 -16.60 -5.23 11.98
CA ALA A 66 -17.78 -4.44 12.37
C ALA A 66 -18.55 -5.07 13.56
N ASP A 67 -18.32 -6.37 13.77
CA ASP A 67 -18.94 -7.12 14.87
C ASP A 67 -18.05 -7.07 16.14
N THR A 68 -16.85 -7.67 16.06
CA THR A 68 -15.91 -7.66 17.17
C THR A 68 -15.37 -6.27 17.50
N LYS A 69 -15.26 -5.40 16.49
CA LYS A 69 -14.50 -4.12 16.60
C LYS A 69 -13.02 -4.34 16.87
N ILE A 70 -12.50 -5.46 16.40
CA ILE A 70 -11.10 -5.75 16.52
C ILE A 70 -10.39 -5.34 15.24
N TRP A 71 -9.32 -4.57 15.41
CA TRP A 71 -8.43 -4.20 14.29
C TRP A 71 -7.43 -5.29 13.98
N ASN A 72 -7.34 -5.59 12.71
CA ASN A 72 -6.36 -6.52 12.21
C ASN A 72 -5.24 -5.73 11.53
N GLY A 73 -4.29 -6.45 10.94
CA GLY A 73 -3.23 -5.81 10.17
C GLY A 73 -2.27 -4.99 10.99
N MET A 74 -1.54 -4.09 10.34
CA MET A 74 -0.53 -3.27 11.00
C MET A 74 -1.19 -2.26 11.95
N VAL A 75 -2.35 -1.72 11.59
CA VAL A 75 -3.07 -0.84 12.51
C VAL A 75 -3.30 -1.59 13.85
N GLY A 76 -3.80 -2.81 13.80
CA GLY A 76 -4.05 -3.60 15.01
C GLY A 76 -2.81 -3.95 15.76
N GLU A 77 -1.68 -4.13 15.05
CA GLU A 77 -0.37 -4.31 15.72
C GLU A 77 0.05 -3.16 16.57
N LEU A 78 -0.17 -1.95 16.07
CA LEU A 78 0.05 -0.73 16.83
C LEU A 78 -0.91 -0.55 18.02
N VAL A 79 -2.21 -0.56 17.71
CA VAL A 79 -3.33 -0.49 18.66
C VAL A 79 -3.17 -1.39 19.87
N TYR A 80 -2.90 -2.68 19.66
CA TYR A 80 -2.75 -3.67 20.77
C TYR A 80 -1.32 -3.75 21.33
N GLY A 81 -0.45 -2.83 20.90
CA GLY A 81 0.91 -2.67 21.49
C GLY A 81 1.93 -3.74 21.17
N LYS A 82 1.80 -4.37 20.00
CA LYS A 82 2.72 -5.41 19.53
C LYS A 82 3.86 -4.78 18.73
N ALA A 83 3.56 -3.67 18.08
CA ALA A 83 4.56 -2.87 17.35
C ALA A 83 4.56 -1.42 17.88
N ASP A 84 5.72 -0.78 17.75
CA ASP A 84 5.93 0.60 18.22
C ASP A 84 5.75 1.69 17.16
N ILE A 85 5.94 1.32 15.89
CA ILE A 85 5.86 2.21 14.75
C ILE A 85 5.58 1.35 13.52
N ALA A 86 4.72 1.84 12.61
CA ALA A 86 4.45 1.23 11.30
C ALA A 86 5.06 2.09 10.18
N ILE A 87 5.94 1.49 9.41
CA ILE A 87 6.66 2.17 8.32
C ILE A 87 6.37 1.38 7.04
N ALA A 88 5.40 1.85 6.25
CA ALA A 88 4.80 1.08 5.18
C ALA A 88 3.92 1.99 4.31
N PRO A 89 3.53 1.52 3.09
CA PRO A 89 2.55 2.25 2.30
C PRO A 89 1.13 2.22 2.91
N LEU A 90 0.99 2.81 4.10
CA LEU A 90 -0.24 2.72 4.90
C LEU A 90 -0.91 4.07 4.75
N THR A 91 -2.10 4.05 4.18
CA THR A 91 -2.80 5.25 3.80
C THR A 91 -3.44 5.94 5.03
N ILE A 92 -3.34 7.28 5.02
CA ILE A 92 -3.82 8.13 6.08
C ILE A 92 -5.30 8.27 5.89
N THR A 93 -6.10 7.77 6.84
CA THR A 93 -7.58 7.83 6.76
C THR A 93 -8.17 8.28 8.11
N LEU A 94 -9.43 8.72 8.10
CA LEU A 94 -10.10 9.24 9.30
C LEU A 94 -10.39 8.15 10.33
N VAL A 95 -10.92 7.01 9.87
CA VAL A 95 -11.22 5.87 10.74
C VAL A 95 -9.94 5.36 11.44
N ARG A 96 -8.79 5.55 10.80
CA ARG A 96 -7.49 5.16 11.33
C ARG A 96 -6.82 6.25 12.21
N GLU A 97 -6.85 7.51 11.74
CA GLU A 97 -6.23 8.64 12.47
C GLU A 97 -6.89 8.82 13.85
N GLU A 98 -8.05 8.21 14.05
CA GLU A 98 -8.72 8.16 15.33
C GLU A 98 -7.99 7.39 16.41
N VAL A 99 -7.49 6.19 16.03
CA VAL A 99 -6.94 5.21 16.96
C VAL A 99 -5.41 5.13 16.86
N ILE A 100 -4.83 5.72 15.81
CA ILE A 100 -3.36 5.85 15.72
C ILE A 100 -3.01 7.25 15.24
N ASP A 101 -1.77 7.66 15.42
CA ASP A 101 -1.29 8.90 14.84
C ASP A 101 -0.50 8.60 13.55
N PHE A 102 -0.64 9.53 12.59
CA PHE A 102 0.08 9.50 11.35
C PHE A 102 0.98 10.71 11.25
N SER A 103 2.24 10.54 10.86
CA SER A 103 3.02 11.69 10.43
C SER A 103 2.36 12.36 9.19
N LYS A 104 2.88 13.52 8.80
CA LYS A 104 2.56 14.13 7.51
C LYS A 104 2.91 13.09 6.40
N PRO A 105 2.25 13.19 5.23
CA PRO A 105 2.47 12.22 4.13
C PRO A 105 3.87 12.25 3.52
N PHE A 106 4.53 11.09 3.47
CA PHE A 106 5.88 10.97 2.86
C PHE A 106 5.83 10.70 1.34
N MET A 107 4.67 10.28 0.85
CA MET A 107 4.45 9.99 -0.53
C MET A 107 2.96 10.14 -0.79
N SER A 108 2.62 10.57 -2.00
CA SER A 108 1.24 10.77 -2.43
C SER A 108 0.83 9.62 -3.35
N LEU A 109 -0.48 9.40 -3.45
CA LEU A 109 -1.09 8.32 -4.27
C LEU A 109 -2.54 8.72 -4.52
N GLY A 110 -3.16 8.12 -5.53
CA GLY A 110 -4.62 8.08 -5.68
C GLY A 110 -5.02 6.69 -6.15
N ILE A 111 -6.29 6.34 -5.98
CA ILE A 111 -6.80 5.07 -6.47
C ILE A 111 -6.75 5.19 -7.97
N SER A 112 -6.34 4.11 -8.63
CA SER A 112 -6.13 4.07 -10.06
C SER A 112 -6.61 2.70 -10.56
N ILE A 113 -6.63 2.49 -11.87
CA ILE A 113 -7.19 1.30 -12.52
C ILE A 113 -6.07 0.68 -13.32
N MET A 114 -5.82 -0.61 -13.11
CA MET A 114 -4.89 -1.38 -13.86
C MET A 114 -5.63 -2.38 -14.75
N ILE A 115 -5.25 -2.39 -16.01
CA ILE A 115 -5.76 -3.32 -17.04
C ILE A 115 -4.62 -4.12 -17.66
N LYS A 116 -4.92 -5.30 -18.19
CA LYS A 116 -4.03 -5.96 -19.16
C LYS A 116 -4.00 -5.06 -20.41
N LYS A 117 -2.81 -4.89 -20.99
CA LYS A 117 -2.71 -4.20 -22.26
C LYS A 117 -3.75 -4.71 -23.32
N GLY A 118 -4.49 -3.76 -23.90
CA GLY A 118 -5.50 -4.07 -24.92
C GLY A 118 -6.94 -4.05 -24.43
N THR A 119 -7.14 -4.11 -23.12
CA THR A 119 -8.49 -3.96 -22.55
C THR A 119 -9.20 -2.62 -22.90
N PRO A 120 -10.39 -2.68 -23.52
CA PRO A 120 -11.08 -1.47 -23.90
C PRO A 120 -11.70 -0.72 -22.68
N ILE A 121 -10.86 -0.22 -21.79
CA ILE A 121 -11.31 0.54 -20.60
C ILE A 121 -10.36 1.72 -20.43
N GLU A 122 -10.89 2.94 -20.40
CA GLU A 122 -10.08 4.18 -20.26
C GLU A 122 -10.36 4.88 -18.94
N SER A 123 -11.39 4.46 -18.19
CA SER A 123 -11.84 5.21 -17.03
C SER A 123 -12.68 4.38 -16.09
N ALA A 124 -12.96 4.97 -14.92
CA ALA A 124 -13.82 4.38 -13.89
C ALA A 124 -15.29 4.38 -14.36
N GLU A 125 -15.70 5.46 -15.01
CA GLU A 125 -17.02 5.54 -15.66
C GLU A 125 -17.26 4.40 -16.65
N ASP A 126 -16.28 4.17 -17.54
CA ASP A 126 -16.26 3.03 -18.49
C ASP A 126 -16.44 1.65 -17.84
N LEU A 127 -15.79 1.42 -16.70
CA LEU A 127 -15.97 0.20 -15.91
C LEU A 127 -17.41 0.01 -15.33
N SER A 128 -17.96 1.05 -14.72
CA SER A 128 -19.30 1.01 -14.08
C SER A 128 -20.47 0.79 -15.06
N LYS A 129 -20.21 1.02 -16.35
CA LYS A 129 -21.25 0.97 -17.41
C LYS A 129 -21.18 -0.28 -18.27
N GLN A 130 -20.45 -1.30 -17.80
CA GLN A 130 -20.34 -2.55 -18.51
C GLN A 130 -20.21 -3.72 -17.54
N THR A 131 -20.28 -4.94 -18.08
CA THR A 131 -20.32 -6.16 -17.28
C THR A 131 -19.40 -7.26 -17.75
N GLU A 132 -18.80 -7.12 -18.92
CA GLU A 132 -17.96 -8.19 -19.47
CA GLU A 132 -17.96 -8.17 -19.50
C GLU A 132 -16.65 -8.29 -18.71
N ILE A 133 -16.08 -7.15 -18.37
CA ILE A 133 -14.81 -7.08 -17.68
C ILE A 133 -15.12 -6.92 -16.18
N ALA A 134 -14.68 -7.90 -15.39
CA ALA A 134 -14.89 -7.88 -13.93
C ALA A 134 -13.88 -6.91 -13.29
N TYR A 135 -14.14 -6.43 -12.07
CA TYR A 135 -13.11 -5.67 -11.36
C TYR A 135 -13.26 -5.68 -9.84
N GLY A 136 -12.15 -5.46 -9.17
CA GLY A 136 -12.17 -5.42 -7.73
C GLY A 136 -11.00 -4.71 -7.08
N THR A 137 -10.97 -4.82 -5.76
CA THR A 137 -9.95 -4.18 -4.93
C THR A 137 -9.33 -5.20 -3.98
N LEU A 138 -8.36 -4.75 -3.21
CA LEU A 138 -7.78 -5.51 -2.09
C LEU A 138 -8.76 -5.55 -0.89
N ASP A 139 -8.80 -6.67 -0.16
CA ASP A 139 -9.47 -6.70 1.14
C ASP A 139 -8.69 -5.91 2.18
N SER A 140 -9.35 -5.62 3.31
CA SER A 140 -8.73 -5.01 4.52
C SER A 140 -7.88 -3.75 4.25
N GLY A 141 -8.33 -2.86 3.37
CA GLY A 141 -7.54 -1.65 3.05
C GLY A 141 -8.33 -0.41 2.66
N SER A 142 -7.63 0.74 2.50
CA SER A 142 -8.27 2.02 2.25
C SER A 142 -9.01 2.14 0.92
N THR A 143 -8.54 1.39 -0.09
CA THR A 143 -9.18 1.34 -1.43
C THR A 143 -10.57 0.71 -1.35
N LYS A 144 -10.65 -0.50 -0.80
CA LYS A 144 -11.98 -1.13 -0.52
C LYS A 144 -12.95 -0.18 0.25
N GLU A 145 -12.49 0.46 1.31
CA GLU A 145 -13.34 1.36 2.13
CA GLU A 145 -13.30 1.38 2.14
C GLU A 145 -13.78 2.63 1.37
N PHE A 146 -12.90 3.18 0.53
CA PHE A 146 -13.28 4.31 -0.33
C PHE A 146 -14.55 3.99 -1.12
N PHE A 147 -14.62 2.80 -1.73
CA PHE A 147 -15.79 2.41 -2.54
C PHE A 147 -16.99 2.10 -1.68
N ARG A 148 -16.78 1.38 -0.57
CA ARG A 148 -17.86 1.07 0.38
C ARG A 148 -18.60 2.30 0.91
N ARG A 149 -17.83 3.34 1.23
N ARG A 149 -17.85 3.33 1.26
CA ARG A 149 -18.36 4.53 1.87
CA ARG A 149 -18.40 4.55 1.87
C ARG A 149 -18.62 5.69 0.90
C ARG A 149 -18.74 5.67 0.88
N SER A 150 -18.44 5.46 -0.40
CA SER A 150 -18.63 6.53 -1.42
C SER A 150 -20.08 6.89 -1.68
N LYS A 151 -20.32 8.21 -1.79
CA LYS A 151 -21.63 8.80 -2.11
C LYS A 151 -21.62 9.41 -3.48
N ILE A 152 -20.53 9.23 -4.24
CA ILE A 152 -20.48 9.64 -5.65
C ILE A 152 -21.16 8.59 -6.52
N ALA A 153 -21.73 9.02 -7.63
CA ALA A 153 -22.60 8.13 -8.41
C ALA A 153 -21.88 6.92 -8.98
N VAL A 154 -20.82 7.15 -9.76
CA VAL A 154 -20.09 6.05 -10.38
C VAL A 154 -19.48 5.08 -9.38
N PHE A 155 -18.93 5.57 -8.27
CA PHE A 155 -18.25 4.73 -7.30
C PHE A 155 -19.22 3.93 -6.43
N ASP A 156 -20.41 4.46 -6.22
CA ASP A 156 -21.45 3.69 -5.55
C ASP A 156 -22.00 2.58 -6.49
N LYS A 157 -22.21 2.94 -7.75
CA LYS A 157 -22.52 1.94 -8.77
C LYS A 157 -21.45 0.82 -8.83
N MET A 158 -20.17 1.21 -8.87
CA MET A 158 -19.07 0.26 -8.82
C MET A 158 -19.10 -0.63 -7.57
N TRP A 159 -19.40 -0.05 -6.41
CA TRP A 159 -19.37 -0.78 -5.14
C TRP A 159 -20.49 -1.80 -4.99
N THR A 160 -21.71 -1.42 -5.37
CA THR A 160 -22.87 -2.33 -5.46
C THR A 160 -22.61 -3.54 -6.41
N TYR A 161 -22.06 -3.29 -7.61
CA TYR A 161 -21.56 -4.41 -8.45
C TYR A 161 -20.57 -5.24 -7.71
N MET A 162 -19.52 -4.59 -7.21
CA MET A 162 -18.39 -5.28 -6.61
C MET A 162 -18.71 -6.14 -5.38
N ARG A 163 -19.55 -5.64 -4.50
CA ARG A 163 -19.85 -6.32 -3.22
C ARG A 163 -20.59 -7.65 -3.38
N SER A 164 -21.34 -7.82 -4.47
CA SER A 164 -22.18 -9.01 -4.68
C SER A 164 -21.84 -9.84 -5.94
N ALA A 165 -20.71 -9.56 -6.60
CA ALA A 165 -20.34 -10.20 -7.86
C ALA A 165 -19.83 -11.60 -7.57
N GLU A 166 -20.08 -12.52 -8.50
CA GLU A 166 -19.61 -13.92 -8.37
C GLU A 166 -18.80 -14.31 -9.60
N PRO A 167 -17.65 -14.99 -9.41
CA PRO A 167 -16.99 -15.24 -8.13
C PRO A 167 -16.48 -13.92 -7.52
N SER A 168 -15.95 -13.99 -6.31
CA SER A 168 -15.44 -12.79 -5.63
C SER A 168 -14.48 -11.99 -6.54
N VAL A 169 -14.55 -10.65 -6.47
CA VAL A 169 -13.63 -9.74 -7.20
C VAL A 169 -12.53 -9.16 -6.28
N PHE A 170 -12.60 -9.57 -5.02
CA PHE A 170 -11.72 -9.10 -3.97
C PHE A 170 -10.59 -10.07 -3.81
N VAL A 171 -9.40 -9.50 -3.56
CA VAL A 171 -8.13 -10.20 -3.50
C VAL A 171 -7.45 -9.95 -2.15
N ARG A 172 -6.60 -10.88 -1.73
CA ARG A 172 -5.99 -10.83 -0.43
CA ARG A 172 -5.97 -10.83 -0.41
C ARG A 172 -4.67 -10.03 -0.44
N THR A 173 -3.95 -10.11 -1.56
CA THR A 173 -2.69 -9.42 -1.69
C THR A 173 -2.68 -8.74 -3.03
N THR A 174 -1.83 -7.72 -3.18
CA THR A 174 -1.70 -7.00 -4.46
C THR A 174 -1.19 -7.92 -5.58
N ALA A 175 -0.21 -8.76 -5.23
CA ALA A 175 0.35 -9.75 -6.15
C ALA A 175 -0.73 -10.62 -6.77
N GLU A 176 -1.72 -10.97 -5.95
CA GLU A 176 -2.92 -11.71 -6.36
C GLU A 176 -3.81 -10.94 -7.33
N GLY A 177 -4.06 -9.66 -7.07
CA GLY A 177 -4.83 -8.83 -8.01
C GLY A 177 -4.12 -8.70 -9.35
N VAL A 178 -2.83 -8.40 -9.29
CA VAL A 178 -1.96 -8.33 -10.51
C VAL A 178 -1.93 -9.64 -11.29
N ALA A 179 -1.76 -10.76 -10.58
CA ALA A 179 -1.80 -12.09 -11.18
C ALA A 179 -3.13 -12.34 -11.88
N ARG A 180 -4.21 -11.82 -11.33
CA ARG A 180 -5.54 -12.03 -11.92
C ARG A 180 -5.72 -11.20 -13.20
N VAL A 181 -5.23 -9.96 -13.22
CA VAL A 181 -5.21 -9.16 -14.45
C VAL A 181 -4.44 -9.87 -15.61
N ARG A 182 -3.25 -10.33 -15.29
CA ARG A 182 -2.33 -10.91 -16.24
C ARG A 182 -2.84 -12.23 -16.83
N LYS A 183 -3.50 -13.03 -15.99
CA LYS A 183 -3.94 -14.36 -16.37
C LYS A 183 -5.43 -14.45 -16.72
N SER A 184 -6.13 -13.31 -16.82
CA SER A 184 -7.60 -13.29 -17.08
C SER A 184 -7.95 -12.82 -18.50
N LYS A 185 -6.94 -12.62 -19.34
CA LYS A 185 -7.13 -12.33 -20.78
C LYS A 185 -7.95 -11.08 -21.08
N GLY A 186 -7.78 -10.08 -20.21
CA GLY A 186 -8.45 -8.79 -20.37
C GLY A 186 -9.81 -8.71 -19.73
N LYS A 187 -10.23 -9.76 -19.02
CA LYS A 187 -11.59 -9.87 -18.48
C LYS A 187 -11.68 -9.55 -16.97
N TYR A 188 -10.56 -9.09 -16.42
CA TYR A 188 -10.50 -8.52 -15.05
C TYR A 188 -9.64 -7.26 -15.10
N ALA A 189 -10.12 -6.20 -14.43
CA ALA A 189 -9.33 -4.96 -14.14
C ALA A 189 -9.21 -4.76 -12.64
N TYR A 190 -8.06 -4.28 -12.17
CA TYR A 190 -7.77 -4.13 -10.76
C TYR A 190 -7.65 -2.64 -10.34
N LEU A 191 -8.29 -2.30 -9.22
CA LEU A 191 -8.25 -0.96 -8.66
C LEU A 191 -7.26 -1.00 -7.53
N LEU A 192 -6.20 -0.20 -7.65
CA LEU A 192 -5.14 -0.18 -6.69
C LEU A 192 -4.55 1.23 -6.66
N GLU A 193 -3.70 1.49 -5.70
CA GLU A 193 -3.05 2.81 -5.56
C GLU A 193 -2.04 3.09 -6.70
N SER A 194 -1.99 4.33 -7.14
CA SER A 194 -1.29 4.74 -8.34
C SER A 194 0.18 4.38 -8.26
N THR A 195 0.75 4.48 -7.08
CA THR A 195 2.16 4.13 -6.78
C THR A 195 2.48 2.67 -7.15
N MET A 196 1.68 1.76 -6.62
CA MET A 196 1.85 0.32 -6.89
C MET A 196 1.65 -0.04 -8.35
N ASN A 197 0.60 0.51 -8.93
CA ASN A 197 0.31 0.41 -10.38
C ASN A 197 1.50 0.89 -11.27
N GLU A 198 2.06 2.06 -10.98
CA GLU A 198 3.18 2.63 -11.75
C GLU A 198 4.46 1.85 -11.62
N TYR A 199 4.68 1.18 -10.49
CA TYR A 199 5.86 0.32 -10.34
C TYR A 199 5.70 -0.91 -11.19
N ILE A 200 4.56 -1.58 -11.04
CA ILE A 200 4.27 -2.83 -11.75
C ILE A 200 4.24 -2.60 -13.27
N GLU A 201 3.71 -1.44 -13.68
CA GLU A 201 3.62 -1.06 -15.07
C GLU A 201 4.95 -1.09 -15.78
N GLN A 202 6.00 -0.80 -14.99
CA GLN A 202 7.40 -0.77 -15.46
C GLN A 202 8.23 -2.00 -15.08
N ARG A 203 7.54 -3.08 -14.72
CA ARG A 203 8.17 -4.38 -14.47
C ARG A 203 7.72 -5.40 -15.49
N LYS A 204 8.69 -6.22 -15.95
CA LYS A 204 8.38 -7.31 -16.90
C LYS A 204 7.32 -8.16 -16.26
N PRO A 205 6.47 -8.82 -17.06
CA PRO A 205 6.42 -8.89 -18.51
C PRO A 205 5.73 -7.72 -19.21
N CYS A 206 5.66 -6.57 -18.54
CA CYS A 206 5.32 -5.34 -19.23
C CYS A 206 4.00 -5.48 -19.95
N ASP A 207 3.05 -6.15 -19.32
CA ASP A 207 1.74 -6.48 -19.94
C ASP A 207 0.52 -5.80 -19.34
N THR A 208 0.77 -4.88 -18.40
CA THR A 208 -0.27 -4.14 -17.72
C THR A 208 -0.12 -2.68 -18.06
N MET A 209 -1.19 -1.93 -17.82
CA MET A 209 -1.19 -0.52 -17.98
C MET A 209 -2.15 0.19 -17.02
N LYS A 210 -1.69 1.34 -16.50
CA LYS A 210 -2.50 2.27 -15.76
C LYS A 210 -3.31 3.20 -16.69
N VAL A 211 -4.62 3.29 -16.46
CA VAL A 211 -5.52 4.10 -17.31
C VAL A 211 -6.45 4.97 -16.46
N GLY A 212 -6.71 6.19 -16.94
CA GLY A 212 -7.63 7.11 -16.30
C GLY A 212 -6.90 7.95 -15.28
N GLY A 213 -7.53 9.03 -14.83
CA GLY A 213 -6.97 9.85 -13.74
C GLY A 213 -7.23 9.23 -12.38
N ASN A 214 -6.55 9.74 -11.35
CA ASN A 214 -6.67 9.20 -10.01
C ASN A 214 -8.05 9.51 -9.51
N LEU A 215 -8.61 8.64 -8.68
CA LEU A 215 -10.00 8.83 -8.21
C LEU A 215 -10.05 9.66 -6.95
N ASP A 216 -8.90 9.76 -6.25
CA ASP A 216 -8.78 10.52 -5.00
C ASP A 216 -7.32 10.99 -4.78
N SER A 217 -7.09 11.81 -3.75
CA SER A 217 -5.74 12.32 -3.40
C SER A 217 -5.48 12.07 -1.95
N LYS A 218 -4.57 11.17 -1.68
CA LYS A 218 -4.29 10.73 -0.35
C LYS A 218 -2.76 10.63 -0.24
N GLY A 219 -2.29 10.12 0.90
CA GLY A 219 -0.86 9.91 1.08
C GLY A 219 -0.60 8.83 2.08
N TYR A 220 0.63 8.34 2.10
CA TYR A 220 1.03 7.41 3.13
C TYR A 220 1.68 8.17 4.30
N GLY A 221 1.38 7.75 5.53
CA GLY A 221 2.06 8.26 6.71
C GLY A 221 2.75 7.21 7.54
N ILE A 222 3.77 7.62 8.31
CA ILE A 222 4.35 6.76 9.33
C ILE A 222 3.37 6.83 10.48
N ALA A 223 3.03 5.68 11.05
CA ALA A 223 2.00 5.59 12.09
C ALA A 223 2.64 5.11 13.42
N THR A 224 2.18 5.70 14.53
CA THR A 224 2.62 5.32 15.88
C THR A 224 1.35 5.17 16.72
N PRO A 225 1.40 4.39 17.81
CA PRO A 225 0.19 4.26 18.62
C PRO A 225 -0.20 5.63 19.21
N LYS A 226 -1.48 5.81 19.54
CA LYS A 226 -1.96 7.13 19.96
C LYS A 226 -1.22 7.52 21.24
N GLY A 227 -0.58 8.69 21.20
CA GLY A 227 0.20 9.19 22.35
C GLY A 227 1.63 8.72 22.52
N SER A 228 2.21 8.08 21.51
CA SER A 228 3.63 7.71 21.55
C SER A 228 4.58 8.91 21.56
N SER A 229 5.71 8.74 22.22
CA SER A 229 6.81 9.70 22.25
C SER A 229 7.60 9.78 20.94
N LEU A 230 7.42 8.78 20.08
CA LEU A 230 8.02 8.76 18.75
C LEU A 230 7.25 9.63 17.73
N GLY A 231 6.02 10.01 18.04
CA GLY A 231 5.16 10.75 17.10
C GLY A 231 5.72 12.06 16.54
N THR A 232 6.23 12.91 17.42
CA THR A 232 6.76 14.20 16.99
C THR A 232 8.18 14.14 16.37
N PRO A 233 9.11 13.41 17.01
CA PRO A 233 10.38 13.27 16.30
C PRO A 233 10.24 12.69 14.88
N VAL A 234 9.41 11.65 14.70
CA VAL A 234 9.23 10.95 13.39
C VAL A 234 8.73 11.90 12.29
N ASN A 235 7.74 12.69 12.67
CA ASN A 235 7.17 13.74 11.83
C ASN A 235 8.12 14.87 11.43
N LEU A 236 8.98 15.31 12.33
CA LEU A 236 10.00 16.32 11.97
C LEU A 236 11.02 15.69 11.04
N ALA A 237 11.26 14.40 11.23
CA ALA A 237 12.18 13.66 10.35
C ALA A 237 11.65 13.49 8.93
N VAL A 238 10.35 13.28 8.76
CA VAL A 238 9.75 13.23 7.41
C VAL A 238 9.83 14.58 6.69
N LEU A 239 9.46 15.66 7.38
CA LEU A 239 9.60 17.04 6.86
C LEU A 239 11.02 17.38 6.42
N LYS A 240 12.00 16.98 7.23
CA LYS A 240 13.40 17.28 6.98
C LYS A 240 13.94 16.49 5.81
N LEU A 241 13.53 15.22 5.68
CA LEU A 241 13.98 14.37 4.57
C LEU A 241 13.32 14.79 3.28
N SER A 242 12.08 15.25 3.37
CA SER A 242 11.41 15.95 2.28
C SER A 242 12.33 17.04 1.74
N GLU A 243 12.62 18.00 2.62
CA GLU A 243 13.43 19.19 2.34
C GLU A 243 14.86 18.90 1.86
N GLN A 244 15.53 17.91 2.46
CA GLN A 244 16.84 17.42 1.96
C GLN A 244 16.81 16.73 0.55
N GLY A 245 15.63 16.53 0.01
CA GLY A 245 15.45 15.80 -1.24
C GLY A 245 15.58 14.28 -1.10
N VAL A 246 15.60 13.74 0.12
CA VAL A 246 15.90 12.31 0.32
C VAL A 246 14.71 11.46 -0.11
N LEU A 247 13.50 11.95 0.15
CA LEU A 247 12.28 11.30 -0.30
C LEU A 247 12.12 11.16 -1.81
N ASP A 248 12.36 12.22 -2.59
CA ASP A 248 12.51 12.15 -4.06
C ASP A 248 13.63 11.21 -4.55
N LYS A 249 14.79 11.30 -3.92
CA LYS A 249 15.91 10.41 -4.27
C LYS A 249 15.58 8.90 -4.09
N LEU A 250 14.83 8.54 -3.05
CA LEU A 250 14.38 7.15 -2.81
C LEU A 250 13.27 6.69 -3.72
N LYS A 251 12.40 7.60 -4.13
CA LYS A 251 11.38 7.33 -5.17
C LYS A 251 12.02 6.94 -6.50
N ASN A 252 12.95 7.76 -6.97
CA ASN A 252 13.78 7.49 -8.15
C ASN A 252 14.50 6.16 -8.09
N LYS A 253 15.13 5.87 -6.98
CA LYS A 253 15.82 4.60 -6.78
C LYS A 253 14.97 3.33 -6.98
N TRP A 254 13.76 3.33 -6.44
CA TRP A 254 12.93 2.16 -6.36
C TRP A 254 11.79 2.13 -7.40
N TRP A 255 11.58 3.25 -8.07
CA TRP A 255 10.69 3.29 -9.23
C TRP A 255 11.50 3.44 -10.50
N TYR A 256 11.97 4.65 -10.79
CA TYR A 256 12.48 4.95 -12.13
C TYR A 256 13.69 4.08 -12.49
N ASP A 257 14.62 3.96 -11.56
CA ASP A 257 15.85 3.17 -11.76
C ASP A 257 15.61 1.67 -11.81
N LYS A 258 14.44 1.23 -11.34
CA LYS A 258 14.10 -0.19 -11.41
C LYS A 258 13.27 -0.58 -12.66
N GLY A 259 13.03 0.38 -13.56
CA GLY A 259 12.21 0.14 -14.76
C GLY A 259 12.88 -0.77 -15.79
N GLU A 260 12.15 -1.81 -16.21
CA GLU A 260 12.56 -2.83 -17.17
C GLU A 260 11.75 -2.78 -18.46
N CYS A 261 10.85 -1.81 -18.61
CA CYS A 261 9.92 -1.80 -19.73
C CYS A 261 10.21 -0.67 -20.70
N GLY A 262 11.51 -0.41 -20.93
CA GLY A 262 12.00 0.66 -21.80
C GLY A 262 12.01 2.02 -21.09
N ALA A 263 11.69 3.06 -21.87
CA ALA A 263 11.91 4.46 -21.47
C ALA A 263 10.75 5.08 -20.70
N GLU B . -2.37 1.54 1.10
CA GLU B . -3.67 0.89 1.32
C GLU B . -3.95 0.82 2.81
O GLU B . -4.99 0.28 3.24
CB GLU B . -3.67 -0.53 0.71
CG GLU B . -3.71 -0.56 -0.77
CD GLU B . -5.09 -0.45 -1.30
OE1 GLU B . -5.27 -0.38 -2.54
OE2 GLU B . -6.02 -0.45 -0.49
OXT GLU B . -3.13 1.33 3.58
S SO4 C . -12.87 -5.51 4.54
O1 SO4 C . -11.88 -6.19 3.68
O2 SO4 C . -12.73 -4.06 4.48
O3 SO4 C . -14.18 -5.92 4.03
O4 SO4 C . -12.66 -5.91 5.93
S SO4 D . 19.91 -6.79 12.34
O1 SO4 D . 20.29 -7.10 10.96
O2 SO4 D . 20.62 -5.60 12.75
O3 SO4 D . 18.49 -6.49 12.43
O4 SO4 D . 20.31 -7.87 13.23
S SO4 E . 21.48 15.95 12.09
O1 SO4 E . 20.52 14.87 12.33
O2 SO4 E . 21.36 16.37 10.70
O3 SO4 E . 21.15 17.07 12.97
O4 SO4 E . 22.84 15.48 12.34
S SO4 F . 8.77 -7.82 -9.88
O1 SO4 F . 7.82 -7.07 -10.72
O2 SO4 F . 10.12 -7.79 -10.45
O3 SO4 F . 8.75 -7.19 -8.55
O4 SO4 F . 8.40 -9.23 -9.82
S SO4 G . 20.77 16.17 9.59
O1 SO4 G . 21.14 15.26 8.50
O2 SO4 G . 20.46 17.48 9.01
O3 SO4 G . 19.62 15.70 10.34
O4 SO4 G . 21.89 16.27 10.54
S SO4 H . 16.09 -5.84 -10.79
O1 SO4 H . 15.40 -7.07 -11.15
O2 SO4 H . 15.93 -4.79 -11.80
O3 SO4 H . 15.52 -5.37 -9.53
O4 SO4 H . 17.52 -6.08 -10.61
S SO4 I . 0.64 9.86 -8.84
O1 SO4 I . -0.75 10.09 -9.16
O2 SO4 I . 1.38 9.77 -10.10
O3 SO4 I . 1.19 10.95 -8.02
O4 SO4 I . 0.82 8.61 -8.06
C1 GOL J . -21.42 -2.15 2.38
O1 GOL J . -22.58 -1.74 1.69
C2 GOL J . -21.58 -3.58 2.84
O2 GOL J . -22.20 -4.24 1.79
C3 GOL J . -20.27 -4.26 3.22
O3 GOL J . -19.80 -5.29 2.34
C1 GOL K . 23.90 16.74 5.66
O1 GOL K . 22.93 15.74 5.91
C2 GOL K . 25.25 16.22 6.11
O2 GOL K . 25.21 14.82 5.96
C3 GOL K . 26.40 16.77 5.27
O3 GOL K . 26.57 18.16 5.43
S DMS L . 5.31 12.94 -3.52
O DMS L . 5.26 11.15 -3.78
C1 DMS L . 4.37 13.73 -4.88
C2 DMS L . 4.38 13.43 -2.06
O1 G69 M . -5.40 15.64 4.08
C3 G69 M . -5.66 15.13 2.77
C6 G69 M . -4.41 14.75 2.08
C7 G69 M . -3.95 15.24 0.87
N9 G69 M . -2.75 14.63 0.61
C10 G69 M . -1.92 14.83 -0.54
C13 G69 M . -0.44 14.90 -0.30
C14 G69 M . 0.20 16.15 -0.16
C16 G69 M . 1.57 16.17 0.04
C17 G69 M . 2.45 17.35 0.22
C20 G69 M . 3.63 16.72 0.97
N22 G69 M . 3.39 16.58 2.42
S24 G69 M . 4.06 17.67 3.50
C25 G69 M . 5.67 16.93 3.90
C27 G69 M . 5.63 16.16 5.22
C31 G69 M . 6.20 16.02 2.78
O35 G69 M . 4.35 18.87 2.75
O36 G69 M . 3.17 17.73 4.64
C37 G69 M . 3.77 15.35 0.29
C40 G69 M . 2.33 15.00 0.07
C41 G69 M . 1.73 13.77 -0.08
C43 G69 M . 0.34 13.71 -0.27
N45 G69 M . -2.39 13.75 1.57
C46 G69 M . -3.38 13.81 2.48
C47 G69 M . -3.31 12.95 3.72
F48 G69 M . -2.51 11.87 3.54
F49 G69 M . -4.52 12.50 4.20
F50 G69 M . -2.69 13.61 4.73
#